data_2QV5
#
_entry.id   2QV5
#
_cell.length_a   37.349
_cell.length_b   47.373
_cell.length_c   65.492
_cell.angle_alpha   91.06
_cell.angle_beta   92.36
_cell.angle_gamma   73.06
#
_symmetry.space_group_name_H-M   'P 1'
#
loop_
_entity.id
_entity.type
_entity.pdbx_description
1 polymer 'Uncharacterized protein Atu2773'
2 non-polymer GLYCEROL
3 water water
#
_entity_poly.entity_id   1
_entity_poly.type   'polypeptide(L)'
_entity_poly.pdbx_seq_one_letter_code
;MSLGQLPVVGADGLRPMEQYARPWSGARGTRVAIVVGGLGLSQTGSQKAIRDLPPEVTLGFAASGNSLQRWMQDARREGH
EILLQIPLEPFGYPGTNPGPDTLLAGDPAKVNIDRLHRSMAKITNYTGVMNYLGGRFLAEQSALEPVMRDIGKRGLLFLD
DGSSAQSLSGGIAKAISAPQGFADVLLDGEVTEASILRKLDDLERIARRNGQAIGVASAFDESIAAISKWSREAGGRGIE
IVGVSALVSGQAGEGHHHHHH
;
_entity_poly.pdbx_strand_id   A,B
#
# COMPACT_ATOMS: atom_id res chain seq x y z
N LEU A 3 34.55 8.46 -13.01
CA LEU A 3 34.14 7.35 -13.93
C LEU A 3 35.30 6.39 -14.17
N GLY A 4 35.05 5.09 -13.98
CA GLY A 4 36.09 4.08 -14.07
C GLY A 4 36.56 3.65 -12.70
N GLN A 5 36.16 4.41 -11.70
CA GLN A 5 36.50 4.12 -10.33
C GLN A 5 35.30 3.55 -9.61
N LEU A 6 35.50 2.94 -8.48
CA LEU A 6 34.41 2.42 -7.68
C LEU A 6 33.86 3.53 -6.79
N PRO A 7 32.54 3.53 -6.53
CA PRO A 7 32.01 4.50 -5.56
C PRO A 7 32.54 4.21 -4.15
N VAL A 8 32.83 5.28 -3.43
CA VAL A 8 33.26 5.23 -2.05
C VAL A 8 32.59 6.37 -1.29
N VAL A 9 32.47 6.20 0.02
CA VAL A 9 32.08 7.27 0.91
C VAL A 9 33.26 8.23 0.97
N GLY A 10 32.98 9.53 0.82
CA GLY A 10 34.02 10.56 0.90
C GLY A 10 34.67 10.70 2.26
N ALA A 11 35.74 11.50 2.33
CA ALA A 11 36.47 11.74 3.57
C ALA A 11 35.56 12.41 4.60
N ASP A 12 34.66 13.27 4.13
CA ASP A 12 33.71 13.95 4.99
C ASP A 12 32.51 13.08 5.38
N GLY A 13 32.41 11.88 4.82
CA GLY A 13 31.29 11.00 5.11
C GLY A 13 30.15 11.07 4.09
N LEU A 14 30.30 11.87 3.05
CA LEU A 14 29.21 11.97 2.07
C LEU A 14 29.13 10.70 1.21
N ARG A 15 27.92 10.18 1.10
CA ARG A 15 27.63 8.90 0.46
C ARG A 15 27.16 9.18 -0.97
N PRO A 16 27.48 8.29 -1.92
CA PRO A 16 26.90 8.36 -3.26
C PRO A 16 25.38 8.51 -3.27
N MET A 17 24.69 7.82 -2.36
CA MET A 17 23.23 7.90 -2.28
C MET A 17 22.68 9.29 -1.87
N GLU A 18 23.53 10.13 -1.26
CA GLU A 18 23.24 11.55 -0.98
C GLU A 18 23.73 12.44 -2.13
N GLN A 19 24.96 12.21 -2.56
CA GLN A 19 25.63 13.04 -3.56
C GLN A 19 24.88 13.09 -4.92
N TYR A 20 24.33 11.95 -5.33
CA TYR A 20 23.70 11.83 -6.64
C TYR A 20 22.19 11.66 -6.57
N ALA A 21 21.64 11.91 -5.39
CA ALA A 21 20.19 11.92 -5.19
C ALA A 21 19.53 13.04 -6.00
N ARG A 22 18.38 12.75 -6.61
CA ARG A 22 17.57 13.83 -7.17
C ARG A 22 16.84 14.56 -6.02
N PRO A 23 17.01 15.90 -5.94
CA PRO A 23 16.27 16.68 -4.93
C PRO A 23 14.76 16.63 -5.14
N TRP A 24 14.01 16.74 -4.05
CA TRP A 24 12.56 16.74 -4.12
C TRP A 24 12.06 17.83 -3.17
N SER A 25 10.74 18.05 -3.08
CA SER A 25 10.22 19.22 -2.37
C SER A 25 10.51 19.26 -0.87
N GLY A 26 10.58 18.08 -0.24
CA GLY A 26 10.75 17.99 1.21
C GLY A 26 9.43 18.01 1.98
N ALA A 27 8.34 18.34 1.27
CA ALA A 27 7.00 18.48 1.84
C ALA A 27 6.31 17.16 2.14
N ARG A 28 5.45 17.19 3.15
CA ARG A 28 4.63 16.05 3.53
C ARG A 28 3.65 15.71 2.41
N GLY A 29 3.37 14.42 2.26
CA GLY A 29 2.38 13.95 1.28
C GLY A 29 2.76 12.61 0.70
N THR A 30 1.88 12.04 -0.11
CA THR A 30 2.11 10.75 -0.77
C THR A 30 3.29 10.86 -1.75
N ARG A 31 4.23 9.91 -1.69
CA ARG A 31 5.37 9.94 -2.61
C ARG A 31 5.48 8.62 -3.34
N VAL A 32 5.95 8.67 -4.58
CA VAL A 32 6.11 7.46 -5.39
C VAL A 32 7.46 7.53 -6.08
N ALA A 33 8.24 6.44 -6.07
CA ALA A 33 9.40 6.31 -6.96
C ALA A 33 9.07 5.28 -8.01
N ILE A 34 9.52 5.51 -9.24
CA ILE A 34 9.35 4.53 -10.32
C ILE A 34 10.70 4.35 -10.96
N VAL A 35 11.16 3.10 -11.06
CA VAL A 35 12.38 2.77 -11.74
C VAL A 35 12.06 2.12 -13.10
N VAL A 36 12.61 2.70 -14.16
CA VAL A 36 12.56 2.06 -15.46
C VAL A 36 13.98 1.55 -15.73
N GLY A 37 14.11 0.23 -15.79
CA GLY A 37 15.42 -0.38 -15.92
C GLY A 37 15.71 -0.89 -17.33
N GLY A 38 16.89 -1.48 -17.49
CA GLY A 38 17.27 -2.03 -18.79
C GLY A 38 17.99 -1.06 -19.71
N LEU A 39 18.31 0.14 -19.24
CA LEU A 39 19.03 1.12 -20.08
C LEU A 39 20.39 0.62 -20.53
N GLY A 40 20.69 0.83 -21.81
CA GLY A 40 21.91 0.33 -22.43
C GLY A 40 21.73 -0.96 -23.23
N LEU A 41 20.63 -1.69 -22.98
CA LEU A 41 20.37 -2.94 -23.70
C LEU A 41 19.89 -2.73 -25.15
N SER A 42 18.92 -1.84 -25.33
CA SER A 42 18.51 -1.41 -26.67
C SER A 42 18.86 0.04 -26.87
N GLN A 43 19.58 0.33 -27.94
CA GLN A 43 19.93 1.73 -28.22
C GLN A 43 18.73 2.61 -28.54
N THR A 44 17.80 2.10 -29.34
CA THR A 44 16.58 2.86 -29.68
C THR A 44 15.64 2.93 -28.48
N GLY A 45 15.57 1.83 -27.72
CA GLY A 45 14.78 1.81 -26.47
C GLY A 45 15.32 2.76 -25.40
N SER A 46 16.65 2.88 -25.29
CA SER A 46 17.28 3.78 -24.32
C SER A 46 17.06 5.22 -24.73
N GLN A 47 17.17 5.49 -26.04
CA GLN A 47 16.90 6.83 -26.59
C GLN A 47 15.47 7.27 -26.30
N LYS A 48 14.51 6.37 -26.51
CA LYS A 48 13.11 6.66 -26.26
C LYS A 48 12.87 6.94 -24.77
N ALA A 49 13.50 6.13 -23.90
CA ALA A 49 13.36 6.29 -22.43
C ALA A 49 13.80 7.68 -21.97
N ILE A 50 14.96 8.14 -22.43
CA ILE A 50 15.51 9.45 -22.10
C ILE A 50 14.66 10.59 -22.67
N ARG A 51 14.24 10.42 -23.93
CA ARG A 51 13.36 11.39 -24.62
C ARG A 51 12.01 11.61 -23.94
N ASP A 52 11.41 10.53 -23.43
CA ASP A 52 10.01 10.54 -22.99
C ASP A 52 9.73 10.62 -21.49
N LEU A 53 10.57 9.99 -20.66
CA LEU A 53 10.30 9.95 -19.23
C LEU A 53 10.68 11.29 -18.60
N PRO A 54 9.83 11.81 -17.68
CA PRO A 54 10.22 12.99 -16.91
C PRO A 54 11.38 12.66 -15.96
N PRO A 55 12.21 13.67 -15.61
CA PRO A 55 13.43 13.48 -14.79
C PRO A 55 13.21 12.87 -13.39
N GLU A 56 11.96 12.86 -12.95
CA GLU A 56 11.59 12.32 -11.65
C GLU A 56 11.62 10.79 -11.65
N VAL A 57 11.57 10.19 -12.84
CA VAL A 57 11.64 8.76 -12.99
C VAL A 57 13.10 8.31 -12.86
N THR A 58 13.33 7.38 -11.94
CA THR A 58 14.65 6.83 -11.70
C THR A 58 14.98 5.85 -12.84
N LEU A 59 16.21 5.87 -13.32
CA LEU A 59 16.60 4.98 -14.42
C LEU A 59 17.59 3.91 -14.00
N GLY A 60 17.31 2.65 -14.34
CA GLY A 60 18.22 1.55 -14.06
C GLY A 60 19.07 1.24 -15.28
N PHE A 61 20.38 1.21 -15.10
CA PHE A 61 21.31 0.99 -16.21
C PHE A 61 21.80 -0.45 -16.16
N ALA A 62 21.71 -1.15 -17.29
CA ALA A 62 22.13 -2.55 -17.35
C ALA A 62 23.63 -2.60 -17.42
N ALA A 63 24.25 -3.38 -16.54
CA ALA A 63 25.72 -3.43 -16.48
C ALA A 63 26.30 -4.00 -17.77
N SER A 64 25.61 -4.97 -18.38
CA SER A 64 26.00 -5.56 -19.67
C SER A 64 25.59 -4.73 -20.90
N GLY A 65 25.07 -3.52 -20.68
CA GLY A 65 24.59 -2.66 -21.77
C GLY A 65 25.69 -2.01 -22.59
N ASN A 66 25.31 -1.30 -23.65
CA ASN A 66 26.26 -0.60 -24.52
C ASN A 66 25.96 0.90 -24.52
N SER A 67 26.97 1.71 -24.88
CA SER A 67 26.88 3.18 -24.85
C SER A 67 26.43 3.69 -23.48
N LEU A 68 26.88 3.02 -22.42
CA LEU A 68 26.48 3.35 -21.05
C LEU A 68 26.87 4.77 -20.69
N GLN A 69 28.07 5.17 -21.07
CA GLN A 69 28.53 6.55 -20.86
C GLN A 69 27.64 7.57 -21.57
N ARG A 70 27.22 7.28 -22.80
CA ARG A 70 26.29 8.16 -23.53
C ARG A 70 24.95 8.30 -22.78
N TRP A 71 24.34 7.18 -22.43
CA TRP A 71 23.04 7.20 -21.78
C TRP A 71 23.13 7.78 -20.34
N MET A 72 24.26 7.55 -19.69
CA MET A 72 24.57 8.13 -18.36
C MET A 72 24.53 9.67 -18.43
N GLN A 73 25.29 10.24 -19.36
CA GLN A 73 25.38 11.70 -19.50
C GLN A 73 24.05 12.34 -19.91
N ASP A 74 23.31 11.70 -20.82
CA ASP A 74 21.98 12.15 -21.22
C ASP A 74 21.01 12.13 -20.03
N ALA A 75 21.01 11.04 -19.27
CA ALA A 75 20.09 10.92 -18.12
C ALA A 75 20.37 11.97 -17.04
N ARG A 76 21.65 12.14 -16.69
CA ARG A 76 22.05 13.10 -15.66
C ARG A 76 21.88 14.54 -16.11
N ARG A 77 22.03 14.80 -17.40
CA ARG A 77 21.78 16.12 -17.97
C ARG A 77 20.32 16.52 -17.74
N GLU A 78 19.41 15.59 -17.99
CA GLU A 78 17.99 15.80 -17.76
C GLU A 78 17.61 15.85 -16.26
N GLY A 79 18.47 15.31 -15.40
CA GLY A 79 18.25 15.36 -13.94
C GLY A 79 17.78 14.06 -13.28
N HIS A 80 17.73 12.97 -14.04
CA HIS A 80 17.33 11.68 -13.47
C HIS A 80 18.29 11.20 -12.39
N GLU A 81 17.73 10.60 -11.33
CA GLU A 81 18.50 9.70 -10.47
C GLU A 81 18.74 8.38 -11.20
N ILE A 82 19.91 7.79 -11.01
CA ILE A 82 20.33 6.59 -11.75
CA ILE A 82 20.19 6.55 -11.72
C ILE A 82 20.63 5.44 -10.77
N LEU A 83 20.26 4.21 -11.13
CA LEU A 83 20.68 3.00 -10.40
C LEU A 83 21.46 2.08 -11.35
N LEU A 84 22.42 1.33 -10.80
CA LEU A 84 23.14 0.31 -11.56
C LEU A 84 22.50 -1.07 -11.37
N GLN A 85 22.10 -1.72 -12.46
CA GLN A 85 21.56 -3.09 -12.37
C GLN A 85 22.65 -4.15 -12.42
N ILE A 86 22.73 -4.96 -11.38
CA ILE A 86 23.76 -6.00 -11.28
C ILE A 86 23.18 -7.37 -11.62
N PRO A 87 23.76 -8.05 -12.63
CA PRO A 87 23.29 -9.39 -13.00
C PRO A 87 23.57 -10.42 -11.90
N LEU A 88 22.51 -11.10 -11.44
CA LEU A 88 22.62 -12.11 -10.38
C LEU A 88 22.02 -13.44 -10.83
N GLU A 89 22.49 -14.55 -10.26
CA GLU A 89 22.14 -15.89 -10.77
C GLU A 89 20.65 -16.21 -10.64
N PRO A 90 19.99 -16.46 -11.79
CA PRO A 90 18.58 -16.85 -11.78
C PRO A 90 18.43 -18.36 -11.54
N PHE A 91 17.20 -18.84 -11.41
CA PHE A 91 16.93 -20.27 -11.24
C PHE A 91 17.25 -21.13 -12.47
N GLY A 92 17.16 -20.52 -13.66
CA GLY A 92 17.37 -21.24 -14.91
C GLY A 92 18.78 -21.23 -15.47
N TYR A 93 19.77 -21.11 -14.58
CA TYR A 93 21.18 -21.03 -14.96
C TYR A 93 21.76 -22.43 -15.21
N PRO A 94 22.59 -22.60 -16.27
CA PRO A 94 23.11 -21.62 -17.25
C PRO A 94 22.30 -21.47 -18.54
N GLY A 95 21.13 -22.10 -18.60
CA GLY A 95 20.20 -21.91 -19.73
C GLY A 95 19.82 -20.45 -19.88
N THR A 96 19.44 -19.82 -18.77
CA THR A 96 19.24 -18.37 -18.70
C THR A 96 20.52 -17.73 -18.17
N ASN A 97 21.26 -17.08 -19.06
CA ASN A 97 22.53 -16.46 -18.71
C ASN A 97 22.55 -14.96 -19.03
N PRO A 98 22.55 -14.11 -17.98
CA PRO A 98 22.64 -12.65 -18.14
C PRO A 98 24.00 -12.15 -18.65
N GLY A 99 25.04 -12.99 -18.56
CA GLY A 99 26.36 -12.63 -19.06
C GLY A 99 27.50 -13.16 -18.21
N PRO A 100 28.75 -12.78 -18.54
CA PRO A 100 29.95 -13.26 -17.84
C PRO A 100 30.15 -12.67 -16.44
N ASP A 101 29.61 -11.47 -16.18
CA ASP A 101 29.76 -10.82 -14.88
C ASP A 101 28.63 -11.14 -13.89
N THR A 102 27.86 -12.19 -14.19
CA THR A 102 26.75 -12.65 -13.34
C THR A 102 27.30 -13.24 -12.04
N LEU A 103 26.80 -12.76 -10.91
CA LEU A 103 27.22 -13.27 -9.60
C LEU A 103 26.55 -14.63 -9.36
N LEU A 104 27.33 -15.60 -8.90
CA LEU A 104 26.87 -16.98 -8.77
C LEU A 104 26.88 -17.43 -7.32
N ALA A 105 25.81 -18.10 -6.91
CA ALA A 105 25.61 -18.56 -5.53
C ALA A 105 26.72 -19.47 -4.99
N GLY A 106 27.29 -20.31 -5.85
CA GLY A 106 28.29 -21.30 -5.43
C GLY A 106 29.73 -20.82 -5.41
N ASP A 107 30.00 -19.67 -6.03
CA ASP A 107 31.34 -19.10 -6.11
C ASP A 107 31.77 -18.47 -4.78
N PRO A 108 33.09 -18.46 -4.49
CA PRO A 108 33.56 -17.84 -3.24
C PRO A 108 33.42 -16.33 -3.29
N ALA A 109 33.37 -15.70 -2.11
CA ALA A 109 33.14 -14.26 -1.93
C ALA A 109 34.01 -13.38 -2.83
N LYS A 110 35.31 -13.67 -2.91
CA LYS A 110 36.25 -12.85 -3.69
C LYS A 110 36.00 -12.85 -5.21
N VAL A 111 35.47 -13.96 -5.74
CA VAL A 111 35.18 -14.06 -7.18
C VAL A 111 33.94 -13.22 -7.54
N ASN A 112 32.93 -13.28 -6.68
CA ASN A 112 31.71 -12.47 -6.86
C ASN A 112 31.96 -10.98 -6.64
N ILE A 113 32.82 -10.65 -5.68
CA ILE A 113 33.17 -9.23 -5.40
C ILE A 113 33.92 -8.60 -6.58
N ASP A 114 34.79 -9.38 -7.21
CA ASP A 114 35.48 -8.94 -8.43
C ASP A 114 34.52 -8.70 -9.60
N ARG A 115 33.52 -9.57 -9.73
CA ARG A 115 32.49 -9.43 -10.77
C ARG A 115 31.68 -8.18 -10.55
N LEU A 116 31.28 -7.96 -9.29
CA LEU A 116 30.56 -6.77 -8.85
C LEU A 116 31.32 -5.49 -9.17
N HIS A 117 32.60 -5.47 -8.82
CA HIS A 117 33.47 -4.33 -9.06
C HIS A 117 33.64 -3.99 -10.53
N ARG A 118 33.67 -5.02 -11.38
CA ARG A 118 33.72 -4.79 -12.81
C ARG A 118 32.47 -4.06 -13.31
N SER A 119 31.29 -4.47 -12.84
CA SER A 119 30.04 -3.78 -13.20
C SER A 119 29.99 -2.35 -12.66
N MET A 120 30.40 -2.18 -11.40
CA MET A 120 30.40 -0.90 -10.67
C MET A 120 31.18 0.20 -11.39
N ALA A 121 32.23 -0.21 -12.09
CA ALA A 121 33.15 0.73 -12.73
C ALA A 121 32.67 1.21 -14.10
N LYS A 122 31.56 0.64 -14.59
CA LYS A 122 31.11 0.95 -15.96
C LYS A 122 30.38 2.27 -16.12
N ILE A 123 29.74 2.74 -15.04
CA ILE A 123 29.15 4.08 -14.99
C ILE A 123 29.53 4.76 -13.66
N THR A 124 29.14 6.01 -13.51
CA THR A 124 29.34 6.73 -12.26
C THR A 124 28.05 7.47 -11.95
N ASN A 125 28.01 8.09 -10.77
CA ASN A 125 26.93 9.00 -10.37
C ASN A 125 25.58 8.33 -10.16
N TYR A 126 25.65 7.09 -9.68
CA TYR A 126 24.46 6.33 -9.32
C TYR A 126 24.32 6.27 -7.80
N THR A 127 23.08 6.18 -7.31
CA THR A 127 22.81 6.25 -5.88
C THR A 127 22.80 4.88 -5.27
N GLY A 128 22.62 3.86 -6.11
CA GLY A 128 22.55 2.53 -5.58
C GLY A 128 22.50 1.48 -6.65
N VAL A 129 22.32 0.25 -6.20
CA VAL A 129 22.29 -0.89 -7.11
C VAL A 129 20.94 -1.58 -7.00
N MET A 130 20.55 -2.27 -8.07
CA MET A 130 19.38 -3.12 -8.02
C MET A 130 19.72 -4.46 -8.68
N ASN A 131 19.00 -5.50 -8.31
CA ASN A 131 19.23 -6.82 -8.89
C ASN A 131 18.66 -6.88 -10.28
N TYR A 132 19.37 -7.54 -11.18
CA TYR A 132 18.76 -8.05 -12.39
C TYR A 132 18.68 -9.55 -12.20
N LEU A 133 17.44 -10.05 -12.20
CA LEU A 133 17.12 -11.46 -11.90
C LEU A 133 17.50 -11.83 -10.47
N GLY A 134 18.24 -12.92 -10.30
CA GLY A 134 18.78 -13.27 -8.99
C GLY A 134 17.95 -14.19 -8.15
N GLY A 135 17.00 -14.90 -8.78
CA GLY A 135 16.14 -15.87 -8.09
C GLY A 135 16.87 -16.85 -7.20
N ARG A 136 17.95 -17.44 -7.74
CA ARG A 136 18.81 -18.35 -6.98
C ARG A 136 19.69 -17.60 -5.99
N PHE A 137 20.35 -16.53 -6.46
CA PHE A 137 21.33 -15.78 -5.68
C PHE A 137 20.78 -15.13 -4.40
N LEU A 138 19.60 -14.53 -4.50
CA LEU A 138 19.01 -13.76 -3.40
C LEU A 138 18.55 -14.60 -2.22
N ALA A 139 18.28 -15.89 -2.48
CA ALA A 139 17.89 -16.84 -1.43
C ALA A 139 19.08 -17.48 -0.69
N GLU A 140 20.31 -17.12 -1.08
CA GLU A 140 21.52 -17.72 -0.51
C GLU A 140 22.33 -16.76 0.37
N GLN A 141 22.16 -16.89 1.69
CA GLN A 141 22.75 -15.99 2.69
C GLN A 141 24.26 -15.83 2.52
N SER A 142 24.96 -16.94 2.35
CA SER A 142 26.41 -16.94 2.19
C SER A 142 26.89 -16.25 0.91
N ALA A 143 26.03 -16.19 -0.10
CA ALA A 143 26.35 -15.54 -1.37
C ALA A 143 25.98 -14.05 -1.33
N LEU A 144 24.81 -13.76 -0.78
CA LEU A 144 24.29 -12.39 -0.76
C LEU A 144 24.94 -11.48 0.29
N GLU A 145 25.26 -12.03 1.46
CA GLU A 145 25.86 -11.22 2.54
C GLU A 145 27.17 -10.45 2.20
N PRO A 146 28.20 -11.11 1.59
CA PRO A 146 29.41 -10.33 1.29
C PRO A 146 29.15 -9.22 0.28
N VAL A 147 28.24 -9.48 -0.66
CA VAL A 147 27.87 -8.55 -1.73
C VAL A 147 27.19 -7.32 -1.12
N MET A 148 26.23 -7.56 -0.23
CA MET A 148 25.51 -6.48 0.43
C MET A 148 26.38 -5.69 1.40
N ARG A 149 27.37 -6.36 2.00
CA ARG A 149 28.36 -5.66 2.83
C ARG A 149 29.25 -4.72 2.00
N ASP A 150 29.72 -5.19 0.84
CA ASP A 150 30.50 -4.33 -0.06
C ASP A 150 29.70 -3.10 -0.52
N ILE A 151 28.47 -3.33 -1.00
CA ILE A 151 27.57 -2.26 -1.45
C ILE A 151 27.28 -1.29 -0.30
N GLY A 152 26.97 -1.85 0.88
CA GLY A 152 26.63 -1.08 2.06
C GLY A 152 27.74 -0.12 2.50
N LYS A 153 28.98 -0.61 2.48
CA LYS A 153 30.14 0.16 2.96
C LYS A 153 30.53 1.32 2.03
N ARG A 154 30.09 1.25 0.76
CA ARG A 154 30.40 2.27 -0.25
C ARG A 154 29.35 3.35 -0.30
N GLY A 155 28.41 3.32 0.63
CA GLY A 155 27.42 4.37 0.75
C GLY A 155 26.33 4.31 -0.31
N LEU A 156 26.10 3.11 -0.84
CA LEU A 156 25.08 2.88 -1.85
C LEU A 156 23.86 2.19 -1.24
N LEU A 157 22.69 2.47 -1.82
CA LEU A 157 21.46 1.78 -1.42
C LEU A 157 21.31 0.52 -2.25
N PHE A 158 20.54 -0.44 -1.76
CA PHE A 158 20.22 -1.68 -2.48
C PHE A 158 18.71 -1.74 -2.69
N LEU A 159 18.29 -1.75 -3.95
CA LEU A 159 16.88 -1.90 -4.28
C LEU A 159 16.64 -3.34 -4.78
N ASP A 160 15.82 -4.07 -4.05
CA ASP A 160 15.47 -5.42 -4.46
C ASP A 160 14.18 -5.33 -5.26
N ASP A 161 14.15 -5.89 -6.46
CA ASP A 161 12.96 -5.71 -7.32
C ASP A 161 11.70 -6.50 -6.88
N GLY A 162 11.88 -7.40 -5.92
CA GLY A 162 10.78 -8.15 -5.30
C GLY A 162 10.31 -9.35 -6.10
N SER A 163 11.03 -9.70 -7.16
CA SER A 163 10.67 -10.84 -8.02
C SER A 163 10.87 -12.22 -7.38
N SER A 164 11.64 -12.27 -6.29
CA SER A 164 11.80 -13.49 -5.51
C SER A 164 11.26 -13.28 -4.10
N ALA A 165 10.25 -14.08 -3.74
CA ALA A 165 9.65 -14.00 -2.41
C ALA A 165 10.56 -14.56 -1.31
N GLN A 166 11.52 -15.39 -1.71
CA GLN A 166 12.46 -16.01 -0.78
C GLN A 166 13.74 -15.17 -0.56
N SER A 167 13.77 -13.98 -1.16
CA SER A 167 14.94 -13.09 -1.09
C SER A 167 15.28 -12.72 0.34
N LEU A 168 16.57 -12.75 0.63
CA LEU A 168 17.10 -12.54 1.97
C LEU A 168 17.68 -11.15 2.15
N SER A 169 17.50 -10.28 1.15
CA SER A 169 18.12 -8.96 1.16
C SER A 169 17.58 -8.02 2.24
N GLY A 170 16.30 -8.17 2.59
CA GLY A 170 15.69 -7.38 3.65
C GLY A 170 16.24 -7.69 5.02
N GLY A 171 16.34 -8.99 5.32
CA GLY A 171 16.89 -9.47 6.57
C GLY A 171 18.38 -9.20 6.73
N ILE A 172 19.15 -9.45 5.67
CA ILE A 172 20.60 -9.20 5.67
C ILE A 172 20.92 -7.71 5.91
N ALA A 173 20.22 -6.84 5.20
CA ALA A 173 20.34 -5.39 5.35
C ALA A 173 20.04 -4.88 6.75
N LYS A 174 18.99 -5.41 7.38
CA LYS A 174 18.69 -5.09 8.79
C LYS A 174 19.83 -5.54 9.71
N ALA A 175 20.36 -6.74 9.47
CA ALA A 175 21.46 -7.30 10.25
C ALA A 175 22.78 -6.55 10.11
N ILE A 176 23.03 -5.97 8.94
CA ILE A 176 24.29 -5.23 8.70
C ILE A 176 24.15 -3.69 8.68
N SER A 177 22.93 -3.20 8.96
CA SER A 177 22.56 -1.77 8.86
C SER A 177 22.85 -1.12 7.48
N ALA A 178 22.47 -1.81 6.41
CA ALA A 178 22.60 -1.27 5.04
C ALA A 178 21.26 -0.68 4.58
N PRO A 179 21.29 0.43 3.82
CA PRO A 179 20.04 0.99 3.29
C PRO A 179 19.49 0.09 2.16
N GLN A 180 18.24 -0.34 2.31
CA GLN A 180 17.61 -1.29 1.39
C GLN A 180 16.13 -1.00 1.29
N GLY A 181 15.54 -1.38 0.17
CA GLY A 181 14.11 -1.27 -0.05
C GLY A 181 13.66 -2.32 -1.04
N PHE A 182 12.41 -2.76 -0.91
CA PHE A 182 11.77 -3.69 -1.84
C PHE A 182 10.85 -2.85 -2.71
N ALA A 183 10.81 -3.16 -4.02
CA ALA A 183 9.79 -2.60 -4.87
C ALA A 183 8.45 -3.16 -4.41
N ASP A 184 7.45 -2.30 -4.39
CA ASP A 184 6.09 -2.66 -4.03
C ASP A 184 5.32 -3.27 -5.19
N VAL A 185 5.56 -2.78 -6.41
CA VAL A 185 4.77 -3.20 -7.58
C VAL A 185 5.69 -3.40 -8.79
N LEU A 186 5.56 -4.54 -9.47
CA LEU A 186 6.09 -4.71 -10.82
C LEU A 186 5.04 -4.21 -11.82
N LEU A 187 5.37 -3.15 -12.54
CA LEU A 187 4.38 -2.46 -13.36
C LEU A 187 4.09 -3.13 -14.70
N ASP A 188 5.08 -3.84 -15.25
CA ASP A 188 4.95 -4.42 -16.58
C ASP A 188 5.30 -5.92 -16.71
N GLY A 189 4.83 -6.73 -15.76
CA GLY A 189 4.87 -8.18 -15.90
C GLY A 189 4.08 -8.64 -17.12
N GLU A 190 2.98 -7.96 -17.40
CA GLU A 190 2.34 -8.07 -18.70
C GLU A 190 2.51 -6.74 -19.45
N VAL A 191 3.13 -6.80 -20.62
CA VAL A 191 3.48 -5.61 -21.39
C VAL A 191 2.34 -5.19 -22.32
N THR A 192 1.25 -4.71 -21.73
CA THR A 192 0.15 -4.08 -22.47
C THR A 192 -0.29 -2.80 -21.75
N GLU A 193 -0.81 -1.84 -22.52
CA GLU A 193 -1.29 -0.57 -21.97
C GLU A 193 -2.27 -0.75 -20.80
N ALA A 194 -3.28 -1.62 -20.99
CA ALA A 194 -4.31 -1.85 -19.97
C ALA A 194 -3.76 -2.40 -18.64
N SER A 195 -2.87 -3.38 -18.74
CA SER A 195 -2.22 -3.96 -17.56
C SER A 195 -1.33 -2.97 -16.81
N ILE A 196 -0.55 -2.18 -17.54
CA ILE A 196 0.38 -1.23 -16.92
C ILE A 196 -0.41 -0.17 -16.16
N LEU A 197 -1.49 0.34 -16.77
CA LEU A 197 -2.42 1.27 -16.09
C LEU A 197 -3.03 0.72 -14.79
N ARG A 198 -3.40 -0.56 -14.79
CA ARG A 198 -3.91 -1.20 -13.57
C ARG A 198 -2.86 -1.27 -12.48
N LYS A 199 -1.64 -1.63 -12.86
CA LYS A 199 -0.53 -1.73 -11.92
C LYS A 199 -0.11 -0.37 -11.36
N LEU A 200 -0.19 0.65 -12.20
CA LEU A 200 0.02 2.03 -11.76
C LEU A 200 -1.08 2.51 -10.81
N ASP A 201 -2.29 1.98 -10.97
CA ASP A 201 -3.35 2.17 -9.96
C ASP A 201 -3.01 1.46 -8.64
N ASP A 202 -2.50 0.22 -8.73
CA ASP A 202 -2.04 -0.53 -7.55
C ASP A 202 -0.97 0.29 -6.81
N LEU A 203 -0.02 0.82 -7.56
CA LEU A 203 1.06 1.65 -7.00
C LEU A 203 0.53 2.85 -6.24
N GLU A 204 -0.43 3.54 -6.85
CA GLU A 204 -1.02 4.71 -6.24
C GLU A 204 -1.73 4.33 -4.93
N ARG A 205 -2.52 3.26 -4.98
CA ARG A 205 -3.24 2.76 -3.81
C ARG A 205 -2.31 2.44 -2.63
N ILE A 206 -1.25 1.68 -2.91
CA ILE A 206 -0.23 1.32 -1.91
C ILE A 206 0.52 2.56 -1.38
N ALA A 207 0.93 3.45 -2.28
CA ALA A 207 1.54 4.72 -1.91
C ALA A 207 0.64 5.57 -1.01
N ARG A 208 -0.64 5.68 -1.34
CA ARG A 208 -1.54 6.53 -0.55
CA ARG A 208 -1.57 6.50 -0.56
C ARG A 208 -1.70 5.98 0.87
N ARG A 209 -1.85 4.67 0.98
CA ARG A 209 -2.01 4.00 2.29
C ARG A 209 -0.73 4.00 3.13
N ASN A 210 0.41 3.67 2.49
CA ASN A 210 1.68 3.58 3.21
C ASN A 210 2.42 4.91 3.37
N GLY A 211 2.01 5.92 2.59
CA GLY A 211 2.74 7.18 2.55
C GLY A 211 3.72 7.20 1.38
N GLN A 212 4.29 6.04 1.04
CA GLN A 212 5.25 5.92 -0.07
C GLN A 212 5.20 4.52 -0.70
N ALA A 213 5.60 4.44 -1.96
CA ALA A 213 5.78 3.17 -2.66
C ALA A 213 6.72 3.27 -3.85
N ILE A 214 7.28 2.12 -4.25
CA ILE A 214 8.23 2.01 -5.36
C ILE A 214 7.67 1.04 -6.39
N GLY A 215 7.60 1.48 -7.65
CA GLY A 215 7.26 0.62 -8.78
C GLY A 215 8.47 0.41 -9.66
N VAL A 216 8.56 -0.77 -10.27
CA VAL A 216 9.66 -1.06 -11.18
C VAL A 216 9.11 -1.49 -12.55
N ALA A 217 9.83 -1.11 -13.60
CA ALA A 217 9.51 -1.51 -14.97
C ALA A 217 10.80 -1.61 -15.78
N SER A 218 10.70 -2.20 -16.97
CA SER A 218 11.79 -2.25 -17.94
C SER A 218 11.49 -1.25 -19.03
N ALA A 219 12.48 -0.93 -19.85
CA ALA A 219 12.33 0.06 -20.92
C ALA A 219 11.68 -0.49 -22.20
N PHE A 220 10.53 -1.12 -22.05
CA PHE A 220 9.69 -1.53 -23.19
C PHE A 220 8.95 -0.29 -23.64
N ASP A 221 8.62 -0.22 -24.94
CA ASP A 221 7.89 0.92 -25.52
C ASP A 221 6.57 1.24 -24.82
N GLU A 222 5.79 0.23 -24.49
CA GLU A 222 4.51 0.43 -23.78
C GLU A 222 4.72 0.94 -22.35
N SER A 223 5.77 0.45 -21.69
CA SER A 223 6.06 0.89 -20.32
C SER A 223 6.43 2.37 -20.30
N ILE A 224 7.32 2.76 -21.20
CA ILE A 224 7.79 4.15 -21.30
C ILE A 224 6.60 5.10 -21.51
N ALA A 225 5.76 4.78 -22.49
CA ALA A 225 4.60 5.62 -22.82
C ALA A 225 3.61 5.77 -21.64
N ALA A 226 3.27 4.65 -21.00
CA ALA A 226 2.33 4.64 -19.88
C ALA A 226 2.89 5.34 -18.65
N ILE A 227 4.16 5.07 -18.33
CA ILE A 227 4.84 5.68 -17.19
C ILE A 227 5.07 7.17 -17.40
N SER A 228 5.49 7.57 -18.59
CA SER A 228 5.64 9.01 -18.90
C SER A 228 4.36 9.78 -18.64
N LYS A 229 3.26 9.29 -19.19
CA LYS A 229 1.95 9.95 -19.05
C LYS A 229 1.45 10.01 -17.60
N TRP A 230 1.49 8.86 -16.90
CA TRP A 230 1.06 8.76 -15.51
C TRP A 230 1.87 9.67 -14.56
N SER A 231 3.20 9.65 -14.70
CA SER A 231 4.07 10.44 -13.82
CA SER A 231 4.10 10.45 -13.85
C SER A 231 3.88 11.95 -14.03
N ARG A 232 3.58 12.36 -15.26
CA ARG A 232 3.30 13.77 -15.58
C ARG A 232 1.97 14.25 -15.00
N GLU A 233 1.04 13.31 -14.80
CA GLU A 233 -0.30 13.63 -14.28
C GLU A 233 -0.49 13.37 -12.78
N ALA A 234 0.51 12.76 -12.15
CA ALA A 234 0.44 12.33 -10.74
C ALA A 234 0.26 13.49 -9.75
N GLY A 235 0.90 14.63 -10.04
CA GLY A 235 0.79 15.82 -9.20
C GLY A 235 -0.61 16.34 -8.94
N GLY A 236 -1.49 16.19 -9.93
CA GLY A 236 -2.89 16.60 -9.82
C GLY A 236 -3.68 15.81 -8.80
N ARG A 237 -3.13 14.67 -8.38
CA ARG A 237 -3.73 13.83 -7.33
C ARG A 237 -2.90 13.78 -6.04
N GLY A 238 -2.14 14.83 -5.75
CA GLY A 238 -1.34 14.91 -4.52
C GLY A 238 -0.18 13.94 -4.38
N ILE A 239 0.35 13.46 -5.52
CA ILE A 239 1.48 12.52 -5.52
C ILE A 239 2.73 13.20 -6.05
N GLU A 240 3.78 13.22 -5.25
CA GLU A 240 5.09 13.66 -5.73
C GLU A 240 5.92 12.45 -6.17
N ILE A 241 6.40 12.47 -7.42
CA ILE A 241 7.36 11.44 -7.87
C ILE A 241 8.78 11.84 -7.46
N VAL A 242 9.43 10.99 -6.68
CA VAL A 242 10.75 11.30 -6.15
C VAL A 242 11.75 10.22 -6.56
N GLY A 243 13.04 10.54 -6.53
CA GLY A 243 14.09 9.52 -6.74
C GLY A 243 14.01 8.42 -5.68
N VAL A 244 14.46 7.22 -6.04
CA VAL A 244 14.48 6.07 -5.12
C VAL A 244 15.18 6.37 -3.79
N SER A 245 16.30 7.10 -3.84
CA SER A 245 17.05 7.47 -2.64
CA SER A 245 17.05 7.47 -2.64
C SER A 245 16.22 8.20 -1.60
N ALA A 246 15.24 8.99 -2.06
CA ALA A 246 14.37 9.74 -1.13
C ALA A 246 13.52 8.80 -0.26
N LEU A 247 13.30 7.58 -0.77
CA LEU A 247 12.41 6.62 -0.13
C LEU A 247 13.12 5.52 0.65
N VAL A 248 14.31 5.14 0.21
CA VAL A 248 15.05 4.04 0.83
C VAL A 248 15.86 4.48 2.05
N LEU B 3 -35.80 2.43 9.27
CA LEU B 3 -35.98 3.84 9.02
C LEU B 3 -36.01 4.68 10.26
N GLY B 4 -36.20 5.97 10.08
CA GLY B 4 -35.09 6.86 9.87
C GLY B 4 -34.92 7.96 10.89
N GLN B 5 -34.83 7.56 12.15
CA GLN B 5 -34.30 8.38 13.22
CA GLN B 5 -34.30 8.38 13.22
C GLN B 5 -32.79 8.31 13.37
N LEU B 6 -32.20 9.49 13.34
CA LEU B 6 -30.76 9.68 13.46
C LEU B 6 -30.33 9.10 14.82
N PRO B 7 -29.12 8.50 14.89
CA PRO B 7 -28.67 8.07 16.21
C PRO B 7 -28.39 9.26 17.13
N VAL B 8 -28.72 9.06 18.41
CA VAL B 8 -28.39 10.01 19.47
C VAL B 8 -27.97 9.25 20.73
N VAL B 9 -27.27 9.94 21.61
CA VAL B 9 -26.97 9.42 22.95
C VAL B 9 -28.27 9.51 23.76
N GLY B 10 -28.63 8.40 24.42
CA GLY B 10 -29.82 8.33 25.27
C GLY B 10 -29.70 9.23 26.49
N ALA B 11 -30.85 9.51 27.11
CA ALA B 11 -30.94 10.46 28.23
C ALA B 11 -30.00 10.10 29.40
N ASP B 12 -29.87 8.79 29.62
CA ASP B 12 -29.00 8.22 30.65
C ASP B 12 -27.51 8.15 30.26
N GLY B 13 -27.18 8.55 29.03
CA GLY B 13 -25.80 8.54 28.56
C GLY B 13 -25.39 7.37 27.69
N LEU B 14 -26.27 6.37 27.54
CA LEU B 14 -25.96 5.19 26.70
C LEU B 14 -25.73 5.57 25.22
N ARG B 15 -24.60 5.12 24.68
CA ARG B 15 -24.21 5.45 23.29
C ARG B 15 -24.55 4.31 22.35
N PRO B 16 -24.92 4.64 21.08
CA PRO B 16 -25.08 3.57 20.08
C PRO B 16 -23.85 2.65 19.95
N MET B 17 -22.64 3.20 20.09
CA MET B 17 -21.41 2.37 20.03
C MET B 17 -21.34 1.31 21.16
N GLU B 18 -22.07 1.54 22.25
CA GLU B 18 -22.24 0.56 23.32
C GLU B 18 -23.46 -0.33 23.03
N GLN B 19 -24.59 0.32 22.75
CA GLN B 19 -25.87 -0.36 22.64
C GLN B 19 -25.87 -1.45 21.56
N TYR B 20 -25.17 -1.17 20.46
CA TYR B 20 -25.15 -2.07 19.29
C TYR B 20 -23.86 -2.84 19.08
N ALA B 21 -22.92 -2.71 20.03
CA ALA B 21 -21.65 -3.43 20.02
C ALA B 21 -21.86 -4.95 20.08
N ARG B 22 -21.06 -5.72 19.35
CA ARG B 22 -21.04 -7.18 19.55
C ARG B 22 -20.25 -7.48 20.85
N PRO B 23 -20.84 -8.25 21.78
CA PRO B 23 -20.12 -8.56 23.03
C PRO B 23 -18.99 -9.56 22.76
N TRP B 24 -17.98 -9.56 23.61
CA TRP B 24 -16.85 -10.47 23.43
C TRP B 24 -16.57 -11.20 24.75
N SER B 25 -15.58 -12.09 24.77
CA SER B 25 -15.36 -12.99 25.92
C SER B 25 -14.97 -12.26 27.21
N GLY B 26 -14.28 -11.13 27.07
CA GLY B 26 -13.76 -10.37 28.20
C GLY B 26 -12.35 -10.80 28.57
N ALA B 27 -11.93 -11.94 28.02
CA ALA B 27 -10.68 -12.60 28.39
C ALA B 27 -9.45 -11.90 27.82
N ARG B 28 -8.36 -11.97 28.59
CA ARG B 28 -7.07 -11.45 28.20
C ARG B 28 -6.57 -12.20 26.95
N GLY B 29 -5.92 -11.47 26.05
CA GLY B 29 -5.35 -12.08 24.85
C GLY B 29 -5.33 -11.17 23.64
N THR B 30 -4.80 -11.69 22.54
CA THR B 30 -4.67 -10.92 21.30
C THR B 30 -6.00 -10.89 20.55
N ARG B 31 -6.43 -9.68 20.20
CA ARG B 31 -7.69 -9.47 19.52
C ARG B 31 -7.50 -8.81 18.17
N VAL B 32 -8.47 -9.01 17.30
CA VAL B 32 -8.43 -8.51 15.94
C VAL B 32 -9.87 -8.13 15.56
N ALA B 33 -10.05 -7.06 14.79
CA ALA B 33 -11.37 -6.82 14.20
C ALA B 33 -11.21 -6.88 12.68
N ILE B 34 -12.21 -7.44 12.02
CA ILE B 34 -12.18 -7.57 10.57
C ILE B 34 -13.49 -7.00 10.07
N VAL B 35 -13.38 -5.94 9.26
CA VAL B 35 -14.54 -5.25 8.66
C VAL B 35 -14.69 -5.57 7.17
N VAL B 36 -15.85 -6.09 6.78
CA VAL B 36 -16.13 -6.35 5.36
C VAL B 36 -17.19 -5.34 4.93
N GLY B 37 -16.81 -4.46 4.02
CA GLY B 37 -17.68 -3.39 3.58
C GLY B 37 -18.35 -3.71 2.26
N GLY B 38 -19.16 -2.75 1.80
CA GLY B 38 -19.84 -2.88 0.53
C GLY B 38 -21.18 -3.58 0.56
N LEU B 39 -21.69 -3.90 1.75
CA LEU B 39 -23.01 -4.55 1.83
C LEU B 39 -24.12 -3.65 1.32
N GLY B 40 -25.04 -4.23 0.55
CA GLY B 40 -26.11 -3.48 -0.11
C GLY B 40 -25.84 -3.15 -1.57
N LEU B 41 -24.58 -3.20 -2.00
CA LEU B 41 -24.22 -2.87 -3.39
C LEU B 41 -24.62 -3.96 -4.38
N SER B 42 -24.28 -5.20 -4.04
CA SER B 42 -24.72 -6.35 -4.82
C SER B 42 -25.63 -7.21 -3.95
N GLN B 43 -26.81 -7.53 -4.45
CA GLN B 43 -27.80 -8.31 -3.69
C GLN B 43 -27.35 -9.74 -3.46
N THR B 44 -26.84 -10.39 -4.51
CA THR B 44 -26.30 -11.76 -4.40
C THR B 44 -25.02 -11.78 -3.55
N GLY B 45 -24.20 -10.74 -3.69
CA GLY B 45 -22.96 -10.58 -2.90
C GLY B 45 -23.18 -10.31 -1.43
N SER B 46 -24.17 -9.48 -1.11
CA SER B 46 -24.52 -9.20 0.28
C SER B 46 -25.06 -10.44 0.97
N GLN B 47 -25.90 -11.20 0.24
CA GLN B 47 -26.44 -12.47 0.75
C GLN B 47 -25.33 -13.48 1.08
N LYS B 48 -24.39 -13.65 0.15
CA LYS B 48 -23.23 -14.52 0.34
C LYS B 48 -22.35 -14.11 1.53
N ALA B 49 -22.14 -12.81 1.68
CA ALA B 49 -21.36 -12.26 2.79
C ALA B 49 -21.96 -12.69 4.14
N ILE B 50 -23.27 -12.44 4.31
CA ILE B 50 -24.04 -12.82 5.52
CA ILE B 50 -23.93 -12.79 5.56
C ILE B 50 -23.94 -14.32 5.76
N ARG B 51 -24.06 -15.08 4.68
CA ARG B 51 -24.10 -16.53 4.73
CA ARG B 51 -24.10 -16.55 4.72
C ARG B 51 -22.80 -17.16 5.23
N ASP B 52 -21.67 -16.73 4.66
CA ASP B 52 -20.39 -17.38 4.94
C ASP B 52 -19.52 -16.74 6.00
N LEU B 53 -19.71 -15.45 6.28
CA LEU B 53 -18.86 -14.77 7.27
C LEU B 53 -19.38 -15.09 8.67
N PRO B 54 -18.47 -15.41 9.60
CA PRO B 54 -18.86 -15.60 11.00
C PRO B 54 -19.30 -14.29 11.63
N PRO B 55 -20.27 -14.33 12.58
CA PRO B 55 -20.81 -13.12 13.21
C PRO B 55 -19.80 -12.19 13.91
N GLU B 56 -18.62 -12.71 14.21
CA GLU B 56 -17.52 -11.92 14.77
C GLU B 56 -16.97 -10.90 13.76
N VAL B 57 -17.24 -11.12 12.48
CA VAL B 57 -16.85 -10.16 11.43
C VAL B 57 -17.79 -8.94 11.40
N THR B 58 -17.21 -7.75 11.49
CA THR B 58 -17.99 -6.51 11.43
C THR B 58 -18.37 -6.21 9.97
N LEU B 59 -19.63 -5.85 9.74
CA LEU B 59 -20.13 -5.56 8.37
C LEU B 59 -20.29 -4.07 8.12
N GLY B 60 -19.71 -3.59 7.02
CA GLY B 60 -19.92 -2.20 6.61
C GLY B 60 -21.00 -2.16 5.56
N PHE B 61 -22.01 -1.31 5.80
CA PHE B 61 -23.16 -1.16 4.88
C PHE B 61 -23.01 0.11 4.08
N ALA B 62 -22.99 -0.05 2.75
CA ALA B 62 -22.87 1.08 1.85
C ALA B 62 -24.12 1.95 1.94
N ALA B 63 -23.92 3.23 2.22
CA ALA B 63 -24.98 4.24 2.19
C ALA B 63 -25.78 4.25 0.87
N SER B 64 -25.12 4.05 -0.26
CA SER B 64 -25.83 4.00 -1.56
C SER B 64 -26.32 2.60 -1.97
N GLY B 65 -26.38 1.68 -1.02
CA GLY B 65 -26.78 0.29 -1.29
C GLY B 65 -28.28 0.08 -1.28
N ASN B 66 -28.72 -1.12 -1.67
CA ASN B 66 -30.16 -1.42 -1.73
C ASN B 66 -30.56 -2.50 -0.75
N SER B 67 -31.85 -2.49 -0.37
CA SER B 67 -32.42 -3.43 0.60
C SER B 67 -31.63 -3.47 1.92
N LEU B 68 -31.16 -2.31 2.34
CA LEU B 68 -30.29 -2.18 3.52
C LEU B 68 -30.96 -2.68 4.79
N GLN B 69 -32.24 -2.35 4.96
CA GLN B 69 -33.04 -2.80 6.09
C GLN B 69 -33.08 -4.32 6.20
N ARG B 70 -33.33 -4.99 5.07
CA ARG B 70 -33.38 -6.45 5.01
C ARG B 70 -32.05 -7.09 5.43
N TRP B 71 -30.95 -6.59 4.88
CA TRP B 71 -29.64 -7.11 5.21
C TRP B 71 -29.19 -6.77 6.64
N MET B 72 -29.57 -5.59 7.14
CA MET B 72 -29.31 -5.25 8.55
CA MET B 72 -29.33 -5.22 8.54
C MET B 72 -30.01 -6.21 9.50
N GLN B 73 -31.28 -6.51 9.22
CA GLN B 73 -32.03 -7.45 10.03
C GLN B 73 -31.41 -8.83 10.04
N ASP B 74 -30.98 -9.33 8.87
CA ASP B 74 -30.27 -10.60 8.77
C ASP B 74 -28.96 -10.61 9.55
N ALA B 75 -28.17 -9.56 9.39
CA ALA B 75 -26.87 -9.46 10.05
C ALA B 75 -27.00 -9.37 11.58
N ARG B 76 -27.96 -8.57 12.06
CA ARG B 76 -28.21 -8.41 13.50
C ARG B 76 -28.77 -9.67 14.17
N ARG B 77 -29.54 -10.46 13.42
CA ARG B 77 -30.09 -11.71 13.93
CA ARG B 77 -30.10 -11.74 13.87
C ARG B 77 -28.98 -12.74 14.13
N GLU B 78 -28.01 -12.77 13.23
CA GLU B 78 -26.86 -13.65 13.33
C GLU B 78 -25.82 -13.12 14.33
N GLY B 79 -25.90 -11.84 14.67
CA GLY B 79 -25.06 -11.26 15.73
C GLY B 79 -23.89 -10.39 15.31
N HIS B 80 -23.83 -10.02 14.03
CA HIS B 80 -22.79 -9.12 13.52
C HIS B 80 -22.93 -7.72 14.09
N GLU B 81 -21.79 -7.10 14.39
CA GLU B 81 -21.73 -5.66 14.57
C GLU B 81 -21.75 -5.00 13.18
N ILE B 82 -22.34 -3.80 13.09
CA ILE B 82 -22.57 -3.13 11.82
C ILE B 82 -22.03 -1.70 11.84
N LEU B 83 -21.44 -1.29 10.71
CA LEU B 83 -20.99 0.09 10.49
C LEU B 83 -21.66 0.66 9.25
N LEU B 84 -21.93 1.97 9.28
CA LEU B 84 -22.39 2.67 8.10
C LEU B 84 -21.18 3.15 7.30
N GLN B 85 -21.15 2.81 6.02
CA GLN B 85 -20.04 3.18 5.15
C GLN B 85 -20.48 4.40 4.33
N ILE B 86 -19.75 5.51 4.49
CA ILE B 86 -20.05 6.80 3.86
C ILE B 86 -18.98 7.14 2.78
N PRO B 87 -19.40 7.36 1.52
CA PRO B 87 -18.43 7.76 0.48
C PRO B 87 -17.93 9.21 0.66
N LEU B 88 -16.61 9.39 0.58
CA LEU B 88 -15.96 10.71 0.73
C LEU B 88 -15.14 10.97 -0.54
N GLU B 89 -14.95 12.25 -0.87
CA GLU B 89 -14.39 12.61 -2.18
C GLU B 89 -12.97 12.09 -2.38
N PRO B 90 -12.76 11.28 -3.44
CA PRO B 90 -11.42 10.81 -3.77
C PRO B 90 -10.66 11.84 -4.62
N PHE B 91 -9.36 11.61 -4.81
CA PHE B 91 -8.60 12.39 -5.78
C PHE B 91 -9.07 12.04 -7.17
N GLY B 92 -9.04 13.03 -8.05
CA GLY B 92 -9.45 12.86 -9.44
C GLY B 92 -10.95 12.72 -9.61
N TYR B 93 -11.68 13.39 -8.73
CA TYR B 93 -13.13 13.60 -8.83
C TYR B 93 -13.48 14.86 -9.64
N PRO B 94 -14.40 14.75 -10.58
CA PRO B 94 -15.64 14.02 -10.38
C PRO B 94 -15.65 13.04 -11.46
N GLY B 95 -14.45 12.78 -11.95
CA GLY B 95 -14.15 11.60 -12.69
C GLY B 95 -14.00 10.36 -11.87
N THR B 96 -13.45 10.40 -10.69
CA THR B 96 -13.85 9.32 -9.83
C THR B 96 -15.01 9.69 -8.94
N ASN B 97 -16.20 9.21 -9.28
CA ASN B 97 -17.39 9.62 -8.57
C ASN B 97 -18.07 8.39 -7.96
N PRO B 98 -18.05 8.28 -6.61
CA PRO B 98 -18.78 7.22 -5.92
C PRO B 98 -20.30 7.44 -5.93
N GLY B 99 -20.73 8.67 -6.25
CA GLY B 99 -22.14 8.97 -6.43
C GLY B 99 -22.65 10.22 -5.74
N PRO B 100 -24.00 10.40 -5.71
CA PRO B 100 -24.68 11.57 -5.16
C PRO B 100 -24.55 11.72 -3.64
N ASP B 101 -24.30 10.60 -2.96
CA ASP B 101 -24.14 10.57 -1.51
C ASP B 101 -22.74 11.03 -1.06
N THR B 102 -21.81 11.15 -2.00
CA THR B 102 -20.41 11.49 -1.70
C THR B 102 -20.29 12.87 -1.09
N LEU B 103 -19.64 12.92 0.07
CA LEU B 103 -19.33 14.18 0.73
C LEU B 103 -18.15 14.80 0.00
N LEU B 104 -18.28 16.08 -0.34
CA LEU B 104 -17.29 16.75 -1.17
C LEU B 104 -16.50 17.75 -0.36
N ALA B 105 -15.18 17.73 -0.54
CA ALA B 105 -14.26 18.63 0.17
C ALA B 105 -14.58 20.11 -0.05
N GLY B 106 -15.12 20.45 -1.22
CA GLY B 106 -15.43 21.84 -1.57
C GLY B 106 -16.85 22.32 -1.30
N ASP B 107 -17.72 21.43 -0.84
CA ASP B 107 -19.10 21.78 -0.54
C ASP B 107 -19.22 22.45 0.83
N PRO B 108 -20.20 23.37 1.01
CA PRO B 108 -20.49 23.95 2.34
C PRO B 108 -20.79 22.87 3.37
N ALA B 109 -20.30 23.07 4.59
CA ALA B 109 -20.48 22.13 5.70
C ALA B 109 -21.91 21.60 5.86
N LYS B 110 -22.90 22.48 5.77
CA LYS B 110 -24.30 22.05 5.93
C LYS B 110 -24.79 21.08 4.84
N VAL B 111 -24.27 21.23 3.62
CA VAL B 111 -24.58 20.32 2.51
C VAL B 111 -24.04 18.91 2.78
N ASN B 112 -22.79 18.82 3.22
CA ASN B 112 -22.18 17.55 3.64
C ASN B 112 -22.88 16.92 4.85
N ILE B 113 -23.23 17.74 5.83
CA ILE B 113 -24.01 17.30 7.00
C ILE B 113 -25.42 16.80 6.61
N ASP B 114 -26.06 17.48 5.65
CA ASP B 114 -27.34 17.01 5.11
C ASP B 114 -27.20 15.68 4.37
N ARG B 115 -26.08 15.48 3.67
CA ARG B 115 -25.80 14.17 3.04
C ARG B 115 -25.53 13.11 4.10
N LEU B 116 -24.72 13.47 5.09
CA LEU B 116 -24.42 12.59 6.24
C LEU B 116 -25.70 12.10 6.91
N HIS B 117 -26.60 13.04 7.19
CA HIS B 117 -27.88 12.73 7.82
C HIS B 117 -28.81 11.81 7.03
N ARG B 118 -28.95 12.06 5.73
CA ARG B 118 -29.72 11.19 4.82
CA ARG B 118 -29.76 11.19 4.88
C ARG B 118 -29.24 9.75 4.87
N SER B 119 -27.92 9.58 4.86
CA SER B 119 -27.30 8.27 4.93
C SER B 119 -27.48 7.64 6.31
N MET B 120 -27.39 8.45 7.37
CA MET B 120 -27.57 7.99 8.75
C MET B 120 -28.94 7.39 9.02
N ALA B 121 -29.94 7.92 8.33
CA ALA B 121 -31.34 7.54 8.49
C ALA B 121 -31.73 6.30 7.64
N LYS B 122 -30.79 5.78 6.85
CA LYS B 122 -31.06 4.63 5.98
C LYS B 122 -31.11 3.29 6.72
N ILE B 123 -30.30 3.16 7.77
CA ILE B 123 -30.28 1.98 8.62
C ILE B 123 -30.30 2.38 10.10
N THR B 124 -30.48 1.40 10.96
CA THR B 124 -30.36 1.60 12.39
C THR B 124 -29.40 0.52 12.91
N ASN B 125 -29.15 0.53 14.22
CA ASN B 125 -28.41 -0.52 14.91
C ASN B 125 -26.95 -0.65 14.53
N TYR B 126 -26.31 0.47 14.19
CA TYR B 126 -24.89 0.47 13.87
C TYR B 126 -24.07 1.20 14.94
N THR B 127 -22.83 0.77 15.15
CA THR B 127 -21.98 1.37 16.21
C THR B 127 -21.20 2.59 15.75
N GLY B 128 -21.04 2.74 14.44
CA GLY B 128 -20.17 3.75 13.92
C GLY B 128 -20.24 3.94 12.43
N VAL B 129 -19.48 4.92 11.96
CA VAL B 129 -19.38 5.10 10.52
C VAL B 129 -17.94 4.89 10.08
N MET B 130 -17.79 4.43 8.84
CA MET B 130 -16.48 4.28 8.22
C MET B 130 -16.52 4.99 6.87
N ASN B 131 -15.37 5.42 6.42
CA ASN B 131 -15.26 6.06 5.13
C ASN B 131 -15.17 5.01 4.03
N TYR B 132 -15.65 5.40 2.86
CA TYR B 132 -15.36 4.71 1.62
C TYR B 132 -14.58 5.73 0.79
N LEU B 133 -13.39 5.33 0.36
CA LEU B 133 -12.43 6.21 -0.34
C LEU B 133 -12.07 7.44 0.52
N GLY B 134 -12.01 8.60 -0.12
CA GLY B 134 -11.84 9.85 0.60
C GLY B 134 -10.44 10.44 0.68
N GLY B 135 -9.56 10.01 -0.21
CA GLY B 135 -8.18 10.54 -0.29
C GLY B 135 -8.10 12.06 -0.23
N ARG B 136 -8.89 12.74 -1.07
CA ARG B 136 -8.99 14.21 -1.01
C ARG B 136 -9.60 14.70 0.31
N PHE B 137 -10.81 14.22 0.62
CA PHE B 137 -11.60 14.65 1.80
C PHE B 137 -10.91 14.52 3.15
N LEU B 138 -10.25 13.38 3.39
CA LEU B 138 -9.64 13.07 4.69
C LEU B 138 -8.46 13.97 5.06
N ALA B 139 -7.84 14.58 4.06
CA ALA B 139 -6.72 15.49 4.27
C ALA B 139 -7.15 16.95 4.35
N GLU B 140 -8.46 17.20 4.44
CA GLU B 140 -8.98 18.55 4.44
C GLU B 140 -9.71 18.84 5.75
N GLN B 141 -9.03 19.59 6.63
CA GLN B 141 -9.53 19.97 7.95
C GLN B 141 -10.94 20.57 7.92
N SER B 142 -11.16 21.52 7.01
CA SER B 142 -12.42 22.25 6.94
C SER B 142 -13.57 21.39 6.46
N ALA B 143 -13.24 20.39 5.64
CA ALA B 143 -14.21 19.39 5.23
C ALA B 143 -14.52 18.39 6.34
N LEU B 144 -13.47 17.79 6.92
CA LEU B 144 -13.63 16.62 7.78
C LEU B 144 -14.09 16.91 9.20
N GLU B 145 -13.58 18.01 9.79
CA GLU B 145 -13.93 18.37 11.17
C GLU B 145 -15.44 18.51 11.52
N PRO B 146 -16.25 19.25 10.70
CA PRO B 146 -17.71 19.28 11.01
C PRO B 146 -18.43 17.93 10.93
N VAL B 147 -17.96 17.05 10.03
CA VAL B 147 -18.52 15.72 9.86
C VAL B 147 -18.21 14.87 11.09
N MET B 148 -16.94 14.87 11.48
CA MET B 148 -16.49 14.14 12.65
C MET B 148 -17.10 14.67 13.96
N ARG B 149 -17.36 15.98 14.04
CA ARG B 149 -18.09 16.55 15.17
C ARG B 149 -19.51 15.99 15.31
N ASP B 150 -20.20 15.84 14.18
CA ASP B 150 -21.57 15.35 14.19
C ASP B 150 -21.63 13.87 14.56
N ILE B 151 -20.67 13.11 14.07
CA ILE B 151 -20.54 11.68 14.37
C ILE B 151 -20.26 11.44 15.87
N GLY B 152 -19.28 12.19 16.41
CA GLY B 152 -18.85 12.05 17.81
C GLY B 152 -19.90 12.39 18.83
N LYS B 153 -20.68 13.43 18.55
CA LYS B 153 -21.72 13.91 19.48
C LYS B 153 -22.90 12.94 19.57
N ARG B 154 -23.01 12.05 18.60
CA ARG B 154 -24.09 11.07 18.56
C ARG B 154 -23.71 9.76 19.22
N GLY B 155 -22.50 9.67 19.77
CA GLY B 155 -22.06 8.46 20.43
C GLY B 155 -21.72 7.36 19.45
N LEU B 156 -21.25 7.74 18.27
CA LEU B 156 -20.80 6.79 17.27
C LEU B 156 -19.29 6.84 17.16
N LEU B 157 -18.67 5.73 16.79
CA LEU B 157 -17.25 5.74 16.53
C LEU B 157 -17.00 6.08 15.07
N PHE B 158 -15.81 6.60 14.77
CA PHE B 158 -15.41 6.82 13.39
C PHE B 158 -14.30 5.86 13.07
N LEU B 159 -14.50 4.98 12.10
CA LEU B 159 -13.42 4.10 11.68
C LEU B 159 -12.83 4.59 10.36
N ASP B 160 -11.57 5.00 10.40
CA ASP B 160 -10.85 5.35 9.20
C ASP B 160 -10.33 4.06 8.58
N ASP B 161 -10.67 3.82 7.32
CA ASP B 161 -10.22 2.58 6.65
C ASP B 161 -8.70 2.53 6.36
N GLY B 162 -8.02 3.65 6.60
CA GLY B 162 -6.56 3.72 6.50
C GLY B 162 -6.05 3.88 5.07
N SER B 163 -6.96 4.11 4.14
CA SER B 163 -6.59 4.21 2.72
C SER B 163 -5.65 5.39 2.40
N SER B 164 -5.60 6.38 3.30
CA SER B 164 -4.69 7.52 3.15
C SER B 164 -3.91 7.80 4.43
N ALA B 165 -2.58 7.65 4.38
CA ALA B 165 -1.70 8.00 5.49
C ALA B 165 -1.68 9.49 5.81
N GLN B 166 -2.23 10.30 4.89
CA GLN B 166 -2.36 11.74 5.10
C GLN B 166 -3.66 12.12 5.80
N SER B 167 -4.50 11.13 6.11
CA SER B 167 -5.78 11.38 6.77
C SER B 167 -5.61 12.20 8.05
N LEU B 168 -6.51 13.15 8.26
CA LEU B 168 -6.52 13.97 9.45
C LEU B 168 -7.46 13.46 10.54
N SER B 169 -8.12 12.31 10.32
CA SER B 169 -9.14 11.84 11.26
C SER B 169 -8.66 11.64 12.70
N GLY B 170 -7.46 11.10 12.86
CA GLY B 170 -6.87 10.84 14.18
C GLY B 170 -6.60 12.12 14.94
N GLY B 171 -6.04 13.11 14.25
CA GLY B 171 -5.73 14.41 14.85
C GLY B 171 -6.97 15.18 15.23
N ILE B 172 -7.95 15.18 14.33
CA ILE B 172 -9.26 15.80 14.59
C ILE B 172 -9.96 15.14 15.78
N ALA B 173 -9.95 13.80 15.82
CA ALA B 173 -10.59 13.03 16.91
C ALA B 173 -10.00 13.31 18.29
N LYS B 174 -8.68 13.49 18.35
CA LYS B 174 -7.97 13.84 19.57
C LYS B 174 -8.43 15.22 20.07
N ALA B 175 -8.51 16.18 19.16
CA ALA B 175 -8.92 17.56 19.46
C ALA B 175 -10.39 17.75 19.85
N ILE B 176 -11.28 16.91 19.32
CA ILE B 176 -12.71 17.01 19.63
C ILE B 176 -13.19 15.92 20.62
N SER B 177 -12.25 15.10 21.08
CA SER B 177 -12.51 13.99 22.03
C SER B 177 -13.59 13.01 21.53
N ALA B 178 -13.37 12.45 20.33
CA ALA B 178 -14.31 11.53 19.71
C ALA B 178 -13.65 10.18 19.47
N PRO B 179 -14.37 9.08 19.77
CA PRO B 179 -13.88 7.72 19.51
C PRO B 179 -13.58 7.47 18.03
N GLN B 180 -12.36 7.07 17.75
CA GLN B 180 -11.87 6.83 16.40
C GLN B 180 -10.91 5.62 16.39
N GLY B 181 -10.93 4.88 15.29
CA GLY B 181 -9.96 3.81 15.01
C GLY B 181 -9.41 3.97 13.60
N PHE B 182 -8.20 3.44 13.39
CA PHE B 182 -7.52 3.41 12.08
C PHE B 182 -7.32 1.94 11.73
N ALA B 183 -7.76 1.50 10.55
CA ALA B 183 -7.42 0.17 10.05
C ALA B 183 -5.91 0.03 9.83
N ASP B 184 -5.35 -1.08 10.32
CA ASP B 184 -3.93 -1.33 10.16
C ASP B 184 -3.62 -1.96 8.79
N VAL B 185 -4.52 -2.81 8.30
CA VAL B 185 -4.22 -3.63 7.11
C VAL B 185 -5.38 -3.66 6.11
N LEU B 186 -5.10 -3.34 4.85
CA LEU B 186 -6.04 -3.68 3.76
C LEU B 186 -5.83 -5.13 3.36
N LEU B 187 -6.86 -5.94 3.57
CA LEU B 187 -6.74 -7.38 3.37
C LEU B 187 -6.77 -7.81 1.91
N ASP B 188 -7.54 -7.11 1.08
CA ASP B 188 -7.77 -7.57 -0.28
C ASP B 188 -7.41 -6.59 -1.41
N GLY B 189 -6.27 -5.93 -1.26
CA GLY B 189 -5.70 -5.11 -2.33
C GLY B 189 -5.50 -5.95 -3.58
N GLU B 190 -5.08 -7.18 -3.37
CA GLU B 190 -5.06 -8.20 -4.39
C GLU B 190 -6.20 -9.18 -4.06
N VAL B 191 -7.15 -9.32 -4.98
CA VAL B 191 -8.31 -10.19 -4.73
C VAL B 191 -8.00 -11.64 -5.18
N THR B 192 -7.08 -12.28 -4.45
CA THR B 192 -6.80 -13.71 -4.59
C THR B 192 -6.74 -14.28 -3.18
N GLU B 193 -7.20 -15.53 -3.01
CA GLU B 193 -7.20 -16.20 -1.69
CA GLU B 193 -7.22 -16.14 -1.67
C GLU B 193 -5.83 -16.18 -1.03
N ALA B 194 -4.79 -16.45 -1.84
CA ALA B 194 -3.41 -16.49 -1.35
C ALA B 194 -2.92 -15.18 -0.76
N SER B 195 -3.20 -14.07 -1.44
CA SER B 195 -2.77 -12.74 -0.99
C SER B 195 -3.55 -12.26 0.24
N ILE B 196 -4.85 -12.53 0.25
CA ILE B 196 -5.69 -12.18 1.40
C ILE B 196 -5.23 -12.92 2.65
N LEU B 197 -4.94 -14.22 2.50
CA LEU B 197 -4.46 -15.03 3.62
C LEU B 197 -3.10 -14.59 4.17
N ARG B 198 -2.21 -14.10 3.30
CA ARG B 198 -0.94 -13.49 3.75
C ARG B 198 -1.17 -12.19 4.52
N LYS B 199 -2.11 -11.38 4.04
CA LYS B 199 -2.48 -10.13 4.70
C LYS B 199 -3.11 -10.39 6.06
N LEU B 200 -3.90 -11.47 6.16
CA LEU B 200 -4.43 -11.91 7.45
C LEU B 200 -3.32 -12.30 8.44
N ASP B 201 -2.28 -12.96 7.94
CA ASP B 201 -1.07 -13.23 8.75
C ASP B 201 -0.38 -11.93 9.19
N ASP B 202 -0.31 -10.95 8.28
CA ASP B 202 0.20 -9.61 8.58
C ASP B 202 -0.61 -8.91 9.67
N LEU B 203 -1.94 -9.01 9.59
CA LEU B 203 -2.84 -8.48 10.61
C LEU B 203 -2.59 -9.10 12.00
N GLU B 204 -2.45 -10.42 12.02
CA GLU B 204 -2.22 -11.16 13.25
C GLU B 204 -0.88 -10.75 13.89
N ARG B 205 0.14 -10.59 13.04
CA ARG B 205 1.47 -10.17 13.45
C ARG B 205 1.47 -8.80 14.12
N ILE B 206 0.74 -7.86 13.52
CA ILE B 206 0.56 -6.51 14.06
C ILE B 206 -0.19 -6.52 15.40
N ALA B 207 -1.20 -7.39 15.49
CA ALA B 207 -1.99 -7.59 16.72
C ALA B 207 -1.13 -8.12 17.87
N ARG B 208 -0.22 -9.06 17.58
CA ARG B 208 0.73 -9.61 18.55
CA ARG B 208 0.67 -9.57 18.61
C ARG B 208 1.67 -8.52 19.09
N ARG B 209 2.11 -7.64 18.19
CA ARG B 209 3.02 -6.59 18.58
C ARG B 209 2.32 -5.46 19.37
N ASN B 210 1.15 -5.04 18.90
CA ASN B 210 0.46 -3.88 19.48
C ASN B 210 -0.64 -4.19 20.50
N GLY B 211 -1.03 -5.45 20.60
CA GLY B 211 -2.16 -5.83 21.47
C GLY B 211 -3.42 -6.07 20.67
N GLN B 212 -3.61 -5.28 19.62
CA GLN B 212 -4.81 -5.34 18.77
C GLN B 212 -4.56 -4.76 17.38
N ALA B 213 -5.41 -5.15 16.42
CA ALA B 213 -5.33 -4.64 15.05
C ALA B 213 -6.66 -4.75 14.31
N ILE B 214 -6.85 -3.87 13.33
CA ILE B 214 -8.07 -3.81 12.53
C ILE B 214 -7.73 -4.01 11.06
N GLY B 215 -8.38 -4.99 10.43
CA GLY B 215 -8.24 -5.25 8.98
C GLY B 215 -9.53 -4.92 8.25
N VAL B 216 -9.40 -4.44 7.01
CA VAL B 216 -10.58 -4.06 6.21
C VAL B 216 -10.56 -4.75 4.85
N ALA B 217 -11.76 -5.04 4.33
CA ALA B 217 -11.94 -5.76 3.06
C ALA B 217 -13.29 -5.39 2.43
N SER B 218 -13.44 -5.67 1.14
CA SER B 218 -14.74 -5.54 0.47
C SER B 218 -15.35 -6.92 0.29
N ALA B 219 -16.65 -6.96 -0.02
CA ALA B 219 -17.40 -8.21 -0.10
C ALA B 219 -17.23 -8.99 -1.41
N PHE B 220 -15.97 -9.20 -1.82
CA PHE B 220 -15.64 -10.08 -2.95
C PHE B 220 -15.67 -11.54 -2.53
N ASP B 221 -15.93 -12.42 -3.50
CA ASP B 221 -15.99 -13.86 -3.26
C ASP B 221 -14.75 -14.44 -2.59
N GLU B 222 -13.58 -14.07 -3.10
CA GLU B 222 -12.30 -14.55 -2.59
C GLU B 222 -12.04 -14.02 -1.18
N SER B 223 -12.44 -12.78 -0.91
CA SER B 223 -12.31 -12.18 0.42
C SER B 223 -13.18 -12.90 1.43
N ILE B 224 -14.41 -13.22 1.03
CA ILE B 224 -15.36 -13.90 1.90
C ILE B 224 -14.84 -15.28 2.26
N ALA B 225 -14.43 -16.03 1.24
CA ALA B 225 -13.83 -17.36 1.39
C ALA B 225 -12.61 -17.37 2.30
N ALA B 226 -11.67 -16.45 2.05
CA ALA B 226 -10.43 -16.37 2.81
C ALA B 226 -10.64 -15.93 4.25
N ILE B 227 -11.55 -15.00 4.49
CA ILE B 227 -11.84 -14.55 5.88
C ILE B 227 -12.53 -15.64 6.68
N SER B 228 -13.56 -16.28 6.09
CA SER B 228 -14.26 -17.39 6.75
C SER B 228 -13.32 -18.53 7.14
N LYS B 229 -12.41 -18.88 6.23
CA LYS B 229 -11.45 -19.97 6.45
C LYS B 229 -10.50 -19.63 7.60
N TRP B 230 -9.91 -18.44 7.53
CA TRP B 230 -8.97 -17.95 8.54
C TRP B 230 -9.59 -17.79 9.92
N SER B 231 -10.85 -17.33 9.96
CA SER B 231 -11.56 -17.10 11.21
CA SER B 231 -11.55 -17.09 11.22
C SER B 231 -11.81 -18.38 12.00
N ARG B 232 -12.08 -19.46 11.28
CA ARG B 232 -12.28 -20.78 11.89
C ARG B 232 -11.03 -21.28 12.62
N GLU B 233 -9.87 -21.03 12.01
CA GLU B 233 -8.60 -21.51 12.54
C GLU B 233 -7.92 -20.52 13.51
N ALA B 234 -8.50 -19.33 13.68
CA ALA B 234 -7.86 -18.27 14.48
C ALA B 234 -7.93 -18.50 16.00
N GLY B 235 -9.04 -19.09 16.45
CA GLY B 235 -9.20 -19.51 17.85
C GLY B 235 -8.18 -20.55 18.31
N GLY B 236 -7.71 -21.38 17.38
CA GLY B 236 -6.65 -22.36 17.65
C GLY B 236 -5.31 -21.75 18.03
N ARG B 237 -5.11 -20.48 17.65
CA ARG B 237 -3.88 -19.76 17.98
C ARG B 237 -4.10 -18.61 18.98
N GLY B 238 -5.27 -18.58 19.61
CA GLY B 238 -5.57 -17.61 20.65
C GLY B 238 -5.86 -16.20 20.17
N ILE B 239 -6.42 -16.09 18.97
CA ILE B 239 -6.90 -14.81 18.46
CA ILE B 239 -6.89 -14.83 18.41
C ILE B 239 -8.41 -14.76 18.59
N GLU B 240 -8.90 -13.71 19.23
CA GLU B 240 -10.34 -13.52 19.32
C GLU B 240 -10.71 -12.43 18.34
N ILE B 241 -11.61 -12.77 17.42
CA ILE B 241 -12.17 -11.79 16.50
CA ILE B 241 -12.14 -11.78 16.51
C ILE B 241 -13.28 -11.08 17.23
N VAL B 242 -13.14 -9.77 17.38
CA VAL B 242 -14.13 -8.96 18.10
C VAL B 242 -14.69 -7.86 17.19
N GLY B 243 -15.84 -7.31 17.57
CA GLY B 243 -16.45 -6.19 16.87
C GLY B 243 -15.55 -4.97 16.99
N VAL B 244 -15.65 -4.06 16.01
CA VAL B 244 -14.86 -2.82 15.98
C VAL B 244 -14.95 -2.00 17.28
N SER B 245 -16.17 -1.88 17.82
CA SER B 245 -16.42 -1.11 19.04
CA SER B 245 -16.42 -1.10 19.05
C SER B 245 -15.56 -1.53 20.25
N ALA B 246 -15.22 -2.82 20.30
CA ALA B 246 -14.41 -3.35 21.40
C ALA B 246 -12.99 -2.78 21.34
N LEU B 247 -12.47 -2.62 20.11
CA LEU B 247 -11.10 -2.15 19.88
C LEU B 247 -10.91 -0.64 19.91
N VAL B 248 -11.97 0.11 19.63
CA VAL B 248 -11.92 1.57 19.64
C VAL B 248 -12.05 2.12 21.07
#